data_4FD0
#
_entry.id   4FD0
#
_cell.length_a   87.241
_cell.length_b   104.103
_cell.length_c   153.954
_cell.angle_alpha   90.000
_cell.angle_beta   90.000
_cell.angle_gamma   90.000
#
_symmetry.space_group_name_H-M   'I 2 2 2'
#
loop_
_entity.id
_entity.type
_entity.pdbx_description
1 polymer 'Leucine rich hypothetical protein'
2 non-polymer 'SULFATE ION'
3 non-polymer 'CHLORIDE ION'
4 water water
#
_entity_poly.entity_id   1
_entity_poly.type   'polypeptide(L)'
_entity_poly.pdbx_seq_one_letter_code
;GSTENDEYKKDSPSAENPAEPVGALLEDFSIEQLPAKTIYALGENIDLTGLNVTGKYDDGKQRPVKVTPEQISGFSSSAP
VDKQEVTITIEGKQKSFSVQISPVRVENGVLTEVLKGHNEIILPNSVKSIPKAAFRGSQINKVVLNEGLQSIGD(MSE)A
FFNSTVQEVVFPTTLEQLEENIFYYCRNLKKADLSRTKLTKLPASTFVYAGVEEVLLPATLKEIGAQAFLKTSQLKTIEI
PENVRTIGLEAFRESGITTVKLPNGVTTIAQRAFYYCPELTEVTTYGTVINENPEA(MSE)IHPYCLEGCPKLTRFDISK
SIRILGQGLLGGNRKVTQLTIPANVTQINFSAFNNTGIKEV(MSE)VEGITPPQVFEKVWYGFPDDITVIRVPAESVEKY
KNANGWKDFTNKITAF
;
_entity_poly.pdbx_strand_id   A
#
# COMPACT_ATOMS: atom_id res chain seq x y z
N SER A 14 -28.93 35.30 6.69
CA SER A 14 -30.32 35.38 7.15
C SER A 14 -31.27 34.59 6.24
N ALA A 15 -32.16 33.79 6.84
CA ALA A 15 -33.16 33.01 6.10
C ALA A 15 -34.19 33.96 5.48
N GLU A 16 -34.61 33.66 4.23
CA GLU A 16 -35.57 34.46 3.48
C GLU A 16 -36.98 34.39 4.08
N ASN A 17 -37.34 33.22 4.63
CA ASN A 17 -38.67 32.94 5.18
C ASN A 17 -38.67 32.79 6.71
N PRO A 18 -39.81 33.12 7.40
CA PRO A 18 -39.88 32.95 8.87
C PRO A 18 -39.58 31.53 9.32
N ALA A 19 -38.77 31.36 10.35
CA ALA A 19 -38.38 30.03 10.80
C ALA A 19 -39.15 29.58 12.05
N GLU A 20 -39.44 30.51 12.96
CA GLU A 20 -40.08 30.23 14.23
C GLU A 20 -41.59 30.08 14.11
N PRO A 21 -42.23 29.21 14.96
CA PRO A 21 -43.70 29.06 14.88
C PRO A 21 -44.44 30.28 15.41
N VAL A 22 -45.59 30.60 14.80
CA VAL A 22 -46.45 31.69 15.27
C VAL A 22 -46.96 31.32 16.66
N GLY A 23 -46.82 32.24 17.61
CA GLY A 23 -47.35 32.15 18.96
C GLY A 23 -46.68 31.25 19.97
N ALA A 24 -45.66 30.50 19.56
CA ALA A 24 -44.99 29.58 20.48
C ALA A 24 -43.53 29.95 20.66
N LEU A 25 -43.06 29.92 21.92
CA LEU A 25 -41.68 30.22 22.31
C LEU A 25 -40.97 28.98 22.79
N LEU A 26 -39.73 28.80 22.35
CA LEU A 26 -38.88 27.71 22.79
C LEU A 26 -38.66 27.87 24.30
N GLU A 27 -38.70 26.76 25.02
CA GLU A 27 -38.47 26.72 26.47
C GLU A 27 -37.18 25.97 26.80
N ASP A 28 -36.81 25.02 25.95
CA ASP A 28 -35.61 24.20 26.10
C ASP A 28 -35.26 23.55 24.78
N PHE A 29 -34.04 23.02 24.69
CA PHE A 29 -33.57 22.32 23.51
C PHE A 29 -32.48 21.31 23.88
N SER A 30 -32.22 20.40 22.95
CA SER A 30 -31.21 19.37 23.11
CA SER A 30 -31.19 19.38 23.11
C SER A 30 -30.50 19.11 21.79
N ILE A 31 -29.18 18.87 21.85
CA ILE A 31 -28.38 18.54 20.67
C ILE A 31 -28.65 17.06 20.41
N GLU A 32 -29.30 16.75 19.29
CA GLU A 32 -29.61 15.36 18.96
C GLU A 32 -28.52 14.75 18.10
N GLN A 33 -27.83 15.60 17.32
CA GLN A 33 -26.74 15.18 16.47
C GLN A 33 -25.73 16.32 16.35
N LEU A 34 -24.46 15.99 16.54
CA LEU A 34 -23.38 16.93 16.49
C LEU A 34 -23.09 17.36 15.06
N PRO A 35 -22.45 18.54 14.84
CA PRO A 35 -22.05 18.89 13.46
C PRO A 35 -21.12 17.81 12.89
N ALA A 36 -21.09 17.63 11.57
CA ALA A 36 -20.22 16.64 10.92
C ALA A 36 -18.74 17.02 11.11
N LYS A 37 -18.44 18.33 11.13
CA LYS A 37 -17.08 18.83 11.32
C LYS A 37 -16.85 19.16 12.79
N THR A 38 -15.99 18.37 13.47
CA THR A 38 -15.65 18.58 14.88
C THR A 38 -14.12 18.79 15.04
N ILE A 39 -13.38 18.81 13.89
CA ILE A 39 -11.94 19.02 13.82
C ILE A 39 -11.72 20.19 12.90
N TYR A 40 -10.95 21.17 13.34
CA TYR A 40 -10.69 22.35 12.53
C TYR A 40 -9.22 22.63 12.39
N ALA A 41 -8.85 23.29 11.30
CA ALA A 41 -7.50 23.81 11.11
C ALA A 41 -7.49 25.25 11.69
N LEU A 42 -6.31 25.79 11.97
CA LEU A 42 -6.15 27.15 12.50
C LEU A 42 -6.71 28.15 11.48
N GLY A 43 -7.52 29.11 11.98
CA GLY A 43 -8.14 30.13 11.14
C GLY A 43 -9.42 29.73 10.41
N GLU A 44 -9.89 28.49 10.60
CA GLU A 44 -11.13 28.03 9.96
C GLU A 44 -12.38 28.50 10.73
N ASN A 45 -13.49 28.71 10.02
CA ASN A 45 -14.77 29.12 10.62
C ASN A 45 -15.58 27.91 10.98
N ILE A 46 -16.42 28.01 12.04
CA ILE A 46 -17.28 26.90 12.46
C ILE A 46 -18.21 26.47 11.30
N ASP A 47 -18.51 25.18 11.24
CA ASP A 47 -19.42 24.62 10.25
C ASP A 47 -20.45 23.78 10.99
N LEU A 48 -21.69 24.26 11.05
CA LEU A 48 -22.76 23.60 11.79
C LEU A 48 -23.50 22.52 10.99
N THR A 49 -23.10 22.31 9.70
CA THR A 49 -23.69 21.27 8.83
C THR A 49 -23.74 19.94 9.57
N GLY A 50 -24.92 19.34 9.63
CA GLY A 50 -25.13 18.08 10.32
C GLY A 50 -25.66 18.20 11.74
N LEU A 51 -25.60 19.41 12.32
CA LEU A 51 -26.12 19.61 13.67
C LEU A 51 -27.65 19.52 13.64
N ASN A 52 -28.22 18.75 14.57
CA ASN A 52 -29.66 18.56 14.75
C ASN A 52 -30.02 18.99 16.15
N VAL A 53 -30.89 19.99 16.25
CA VAL A 53 -31.35 20.46 17.55
C VAL A 53 -32.87 20.28 17.59
N THR A 54 -33.36 19.80 18.74
CA THR A 54 -34.79 19.64 18.99
C THR A 54 -35.18 20.62 20.07
N GLY A 55 -36.11 21.49 19.76
CA GLY A 55 -36.63 22.48 20.69
C GLY A 55 -37.94 22.04 21.28
N LYS A 56 -38.08 22.22 22.60
CA LYS A 56 -39.30 22.01 23.37
C LYS A 56 -39.98 23.40 23.43
N TYR A 57 -41.20 23.51 22.88
CA TYR A 57 -41.94 24.78 22.82
C TYR A 57 -43.09 24.82 23.83
N ASP A 58 -43.53 26.04 24.20
CA ASP A 58 -44.58 26.25 25.20
C ASP A 58 -46.01 25.86 24.71
N ASP A 59 -46.16 25.38 23.47
CA ASP A 59 -47.45 24.91 22.94
C ASP A 59 -47.50 23.38 23.04
N GLY A 60 -46.44 22.80 23.61
CA GLY A 60 -46.27 21.36 23.78
C GLY A 60 -45.72 20.66 22.55
N LYS A 61 -45.53 21.39 21.45
CA LYS A 61 -45.02 20.79 20.21
C LYS A 61 -43.48 20.90 20.14
N GLN A 62 -42.83 19.76 19.90
CA GLN A 62 -41.39 19.70 19.68
C GLN A 62 -41.12 20.02 18.22
N ARG A 63 -40.03 20.76 17.95
CA ARG A 63 -39.68 21.17 16.59
C ARG A 63 -38.18 21.21 16.33
N PRO A 64 -37.74 20.86 15.10
CA PRO A 64 -36.31 21.05 14.77
C PRO A 64 -35.96 22.54 14.81
N VAL A 65 -34.76 22.87 15.30
CA VAL A 65 -34.32 24.25 15.44
C VAL A 65 -33.06 24.45 14.59
N LYS A 66 -33.05 25.49 13.74
CA LYS A 66 -31.84 25.86 13.00
C LYS A 66 -31.14 26.94 13.85
N VAL A 67 -29.89 26.65 14.27
CA VAL A 67 -29.09 27.55 15.10
C VAL A 67 -28.57 28.67 14.21
N THR A 68 -28.84 29.94 14.60
CA THR A 68 -28.40 31.13 13.88
C THR A 68 -27.00 31.52 14.41
N PRO A 69 -26.14 32.18 13.59
CA PRO A 69 -24.72 32.34 13.97
C PRO A 69 -24.41 33.02 15.30
N GLU A 70 -25.22 34.02 15.70
CA GLU A 70 -25.01 34.78 16.93
C GLU A 70 -25.33 33.98 18.20
N GLN A 71 -25.88 32.76 18.04
CA GLN A 71 -26.25 31.90 19.16
C GLN A 71 -25.06 31.04 19.64
N ILE A 72 -23.96 31.02 18.86
CA ILE A 72 -22.73 30.27 19.20
C ILE A 72 -21.77 31.15 19.98
N SER A 73 -21.13 30.58 21.00
CA SER A 73 -20.06 31.24 21.75
C SER A 73 -19.01 30.17 22.16
N GLY A 74 -17.76 30.58 22.36
CA GLY A 74 -16.70 29.66 22.78
C GLY A 74 -15.90 29.05 21.66
N PHE A 75 -16.39 29.14 20.41
CA PHE A 75 -15.63 28.65 19.26
C PHE A 75 -14.54 29.67 18.92
N SER A 76 -13.30 29.20 18.79
CA SER A 76 -12.17 30.02 18.36
C SER A 76 -11.09 29.12 17.71
N SER A 77 -10.77 29.35 16.45
CA SER A 77 -9.72 28.56 15.75
C SER A 77 -8.36 29.32 15.68
N SER A 78 -8.12 30.28 16.61
CA SER A 78 -6.89 31.08 16.63
CA SER A 78 -6.89 31.08 16.62
C SER A 78 -5.67 30.29 17.11
N ALA A 79 -5.88 29.33 18.04
CA ALA A 79 -4.78 28.54 18.62
C ALA A 79 -5.14 27.06 18.73
N PRO A 80 -4.13 26.14 18.74
CA PRO A 80 -4.46 24.72 18.91
C PRO A 80 -5.10 24.44 20.26
N VAL A 81 -6.21 23.71 20.23
CA VAL A 81 -6.98 23.29 21.41
C VAL A 81 -7.39 21.87 21.14
N ASP A 82 -7.06 20.94 22.04
CA ASP A 82 -7.43 19.53 21.87
C ASP A 82 -8.95 19.30 22.09
N LYS A 83 -9.56 20.00 23.07
CA LYS A 83 -10.99 19.92 23.39
C LYS A 83 -11.49 21.33 23.76
N GLN A 84 -12.30 21.93 22.86
CA GLN A 84 -12.87 23.27 23.04
C GLN A 84 -14.40 23.20 23.16
N GLU A 85 -14.94 23.74 24.27
CA GLU A 85 -16.39 23.77 24.50
C GLU A 85 -17.06 24.90 23.72
N VAL A 86 -17.95 24.53 22.79
CA VAL A 86 -18.75 25.43 21.95
C VAL A 86 -20.16 25.42 22.54
N THR A 87 -20.67 26.61 22.91
CA THR A 87 -22.01 26.71 23.52
C THR A 87 -23.04 27.29 22.54
N ILE A 88 -24.29 26.76 22.61
CA ILE A 88 -25.47 27.26 21.90
C ILE A 88 -26.31 27.93 22.95
N THR A 89 -26.65 29.23 22.77
CA THR A 89 -27.50 30.00 23.71
C THR A 89 -28.78 30.46 22.99
N ILE A 90 -29.94 29.94 23.45
CA ILE A 90 -31.29 30.25 22.96
C ILE A 90 -32.28 30.29 24.14
N GLU A 91 -33.10 31.35 24.21
CA GLU A 91 -34.15 31.55 25.25
C GLU A 91 -33.60 31.38 26.68
N GLY A 92 -32.37 31.89 26.90
CA GLY A 92 -31.65 31.80 28.17
C GLY A 92 -31.19 30.40 28.52
N LYS A 93 -31.36 29.44 27.59
CA LYS A 93 -30.95 28.06 27.78
C LYS A 93 -29.69 27.80 27.00
N GLN A 94 -28.81 26.97 27.56
CA GLN A 94 -27.50 26.63 27.00
C GLN A 94 -27.26 25.13 26.91
N LYS A 95 -26.66 24.71 25.81
CA LYS A 95 -26.19 23.35 25.52
C LYS A 95 -24.83 23.49 24.83
N SER A 96 -23.93 22.54 25.06
CA SER A 96 -22.57 22.59 24.54
C SER A 96 -22.14 21.32 23.85
N PHE A 97 -21.18 21.45 22.93
CA PHE A 97 -20.53 20.35 22.23
C PHE A 97 -19.02 20.70 22.16
N SER A 98 -18.18 19.70 21.89
CA SER A 98 -16.73 19.84 21.83
C SER A 98 -16.22 19.86 20.40
N VAL A 99 -15.16 20.63 20.18
CA VAL A 99 -14.48 20.68 18.89
C VAL A 99 -12.99 20.60 19.20
N GLN A 100 -12.20 20.29 18.18
CA GLN A 100 -10.75 20.24 18.31
C GLN A 100 -10.18 21.17 17.30
N ILE A 101 -9.29 22.07 17.75
CA ILE A 101 -8.55 22.96 16.85
C ILE A 101 -7.17 22.31 16.70
N SER A 102 -6.95 21.67 15.52
CA SER A 102 -5.70 20.97 15.27
C SER A 102 -4.55 21.93 14.95
N PRO A 103 -3.27 21.58 15.32
CA PRO A 103 -2.15 22.51 15.06
C PRO A 103 -1.68 22.48 13.62
N VAL A 104 -2.61 22.76 12.69
CA VAL A 104 -2.35 22.73 11.26
C VAL A 104 -3.02 23.92 10.56
N ARG A 105 -2.50 24.30 9.39
CA ARG A 105 -3.07 25.34 8.52
C ARG A 105 -3.39 24.71 7.17
N VAL A 106 -4.59 24.98 6.67
CA VAL A 106 -5.10 24.48 5.40
C VAL A 106 -5.55 25.66 4.57
N GLU A 107 -4.97 25.84 3.37
CA GLU A 107 -5.34 26.91 2.45
C GLU A 107 -5.71 26.32 1.11
N ASN A 108 -6.99 26.45 0.71
CA ASN A 108 -7.54 25.90 -0.53
C ASN A 108 -7.32 24.35 -0.61
N GLY A 109 -7.60 23.69 0.52
CA GLY A 109 -7.47 22.24 0.67
C GLY A 109 -6.06 21.69 0.81
N VAL A 110 -5.04 22.56 0.84
CA VAL A 110 -3.63 22.14 0.93
C VAL A 110 -3.15 22.28 2.38
N LEU A 111 -2.53 21.23 2.95
CA LEU A 111 -1.95 21.31 4.29
C LEU A 111 -0.70 22.20 4.20
N THR A 112 -0.85 23.50 4.45
CA THR A 112 0.25 24.46 4.27
C THR A 112 1.21 24.57 5.47
N GLU A 113 0.80 24.08 6.66
CA GLU A 113 1.66 24.16 7.82
C GLU A 113 1.27 23.14 8.86
N VAL A 114 2.27 22.54 9.50
CA VAL A 114 2.17 21.63 10.65
C VAL A 114 3.02 22.27 11.74
N LEU A 115 2.44 22.48 12.94
CA LEU A 115 3.13 23.11 14.06
C LEU A 115 3.84 22.07 14.89
N LYS A 116 5.07 22.39 15.33
CA LYS A 116 5.89 21.48 16.14
C LYS A 116 5.37 21.43 17.58
N GLY A 117 5.80 20.41 18.33
CA GLY A 117 5.42 20.26 19.73
C GLY A 117 4.07 19.60 19.97
N HIS A 118 3.55 18.90 18.95
CA HIS A 118 2.29 18.14 19.03
C HIS A 118 2.56 16.75 18.49
N ASN A 119 2.64 15.76 19.39
CA ASN A 119 2.98 14.37 19.08
C ASN A 119 1.88 13.61 18.34
N GLU A 120 0.61 14.03 18.46
CA GLU A 120 -0.53 13.40 17.78
C GLU A 120 -1.24 14.44 16.95
N ILE A 121 -1.25 14.28 15.61
CA ILE A 121 -1.88 15.22 14.68
C ILE A 121 -3.13 14.54 14.09
N ILE A 122 -4.31 15.14 14.29
CA ILE A 122 -5.57 14.64 13.72
C ILE A 122 -5.93 15.65 12.68
N LEU A 123 -5.87 15.28 11.40
CA LEU A 123 -6.14 16.28 10.36
C LEU A 123 -7.63 16.62 10.22
N PRO A 124 -7.97 17.92 9.92
CA PRO A 124 -9.38 18.28 9.63
C PRO A 124 -9.80 17.73 8.26
N ASN A 125 -11.11 17.63 7.99
CA ASN A 125 -11.69 17.06 6.77
C ASN A 125 -11.50 17.94 5.54
N SER A 126 -11.01 19.17 5.73
CA SER A 126 -10.71 20.14 4.68
C SER A 126 -9.40 19.80 3.92
N VAL A 127 -8.56 18.88 4.44
CA VAL A 127 -7.32 18.52 3.75
C VAL A 127 -7.60 17.63 2.52
N LYS A 128 -7.30 18.19 1.34
CA LYS A 128 -7.44 17.49 0.05
CA LYS A 128 -7.43 17.52 0.03
C LYS A 128 -6.06 16.96 -0.40
N SER A 129 -4.98 17.68 -0.06
CA SER A 129 -3.63 17.25 -0.44
C SER A 129 -2.59 17.67 0.58
N ILE A 130 -1.55 16.82 0.77
CA ILE A 130 -0.42 17.06 1.65
C ILE A 130 0.77 17.34 0.74
N PRO A 131 1.39 18.54 0.83
CA PRO A 131 2.45 18.87 -0.11
C PRO A 131 3.79 18.20 0.26
N LYS A 132 4.74 18.32 -0.67
CA LYS A 132 6.10 17.81 -0.52
C LYS A 132 6.66 18.21 0.86
N ALA A 133 7.26 17.24 1.59
CA ALA A 133 7.96 17.42 2.87
C ALA A 133 7.12 18.04 4.02
N ALA A 134 5.77 17.97 3.97
CA ALA A 134 4.90 18.56 5.00
C ALA A 134 5.20 18.05 6.44
N PHE A 135 5.61 16.77 6.60
CA PHE A 135 5.95 16.19 7.92
C PHE A 135 7.42 15.72 7.97
N ARG A 136 8.26 16.20 7.03
CA ARG A 136 9.68 15.84 6.95
C ARG A 136 10.44 16.21 8.24
N GLY A 137 11.08 15.20 8.85
CA GLY A 137 11.88 15.34 10.06
C GLY A 137 11.05 15.62 11.31
N SER A 138 9.72 15.40 11.23
CA SER A 138 8.78 15.64 12.32
C SER A 138 9.04 14.70 13.48
N GLN A 139 9.17 15.29 14.66
CA GLN A 139 9.45 14.56 15.89
C GLN A 139 8.14 14.27 16.56
N ILE A 140 7.29 13.50 15.87
CA ILE A 140 5.94 13.19 16.33
C ILE A 140 5.74 11.69 16.48
N ASN A 141 4.57 11.31 17.01
CA ASN A 141 4.27 9.91 17.27
C ASN A 141 3.18 9.34 16.40
N LYS A 142 2.12 10.12 16.11
CA LYS A 142 0.96 9.59 15.40
C LYS A 142 0.27 10.64 14.52
N VAL A 143 -0.18 10.21 13.32
CA VAL A 143 -0.93 11.08 12.41
C VAL A 143 -2.19 10.32 11.95
N VAL A 144 -3.36 10.94 12.13
CA VAL A 144 -4.61 10.37 11.65
C VAL A 144 -4.97 11.17 10.41
N LEU A 145 -4.80 10.54 9.24
CA LEU A 145 -5.13 11.21 7.99
C LEU A 145 -6.66 11.17 7.88
N ASN A 146 -7.21 12.24 7.35
CA ASN A 146 -8.66 12.47 7.27
C ASN A 146 -9.29 11.92 6.02
N GLU A 147 -10.61 11.60 6.12
CA GLU A 147 -11.40 11.28 4.93
C GLU A 147 -11.47 12.56 4.11
N GLY A 148 -11.28 12.45 2.81
CA GLY A 148 -11.21 13.61 1.93
C GLY A 148 -9.78 13.83 1.42
N LEU A 149 -8.76 13.28 2.13
CA LEU A 149 -7.37 13.37 1.66
C LEU A 149 -7.26 12.59 0.39
N GLN A 150 -6.77 13.23 -0.68
CA GLN A 150 -6.64 12.58 -1.99
C GLN A 150 -5.20 12.19 -2.29
N SER A 151 -4.24 13.14 -2.12
CA SER A 151 -2.83 12.89 -2.42
C SER A 151 -1.85 13.32 -1.33
N ILE A 152 -0.64 12.70 -1.36
CA ILE A 152 0.49 12.98 -0.45
C ILE A 152 1.72 13.19 -1.31
N GLY A 153 2.40 14.32 -1.11
CA GLY A 153 3.57 14.76 -1.85
C GLY A 153 4.88 14.11 -1.46
N ASP A 154 5.91 14.34 -2.31
CA ASP A 154 7.27 13.81 -2.22
C ASP A 154 7.85 13.99 -0.83
N ALA A 156 7.00 13.42 2.11
CA ALA A 156 6.10 14.03 3.08
C ALA A 156 6.45 13.63 4.50
N PHE A 157 6.86 12.39 4.73
CA PHE A 157 7.23 11.98 6.09
C PHE A 157 8.72 11.59 6.14
N PHE A 158 9.52 12.10 5.20
CA PHE A 158 10.95 11.74 5.19
C PHE A 158 11.60 11.95 6.58
N ASN A 159 12.20 10.88 7.12
CA ASN A 159 12.93 10.84 8.38
C ASN A 159 12.08 11.35 9.60
N SER A 160 10.77 11.10 9.57
CA SER A 160 9.87 11.41 10.68
C SER A 160 10.04 10.30 11.71
N THR A 161 9.80 10.61 13.00
CA THR A 161 9.85 9.62 14.08
C THR A 161 8.48 8.94 14.26
N VAL A 162 7.49 9.31 13.41
CA VAL A 162 6.10 8.84 13.46
C VAL A 162 6.06 7.30 13.65
N GLN A 163 5.29 6.87 14.66
CA GLN A 163 5.11 5.45 14.98
C GLN A 163 3.88 4.88 14.30
N GLU A 164 2.82 5.71 14.12
CA GLU A 164 1.56 5.27 13.53
C GLU A 164 0.97 6.31 12.63
N VAL A 165 0.50 5.87 11.45
CA VAL A 165 -0.17 6.71 10.46
C VAL A 165 -1.46 5.97 10.06
N VAL A 166 -2.62 6.62 10.28
CA VAL A 166 -3.92 6.06 9.92
C VAL A 166 -4.27 6.63 8.54
N PHE A 167 -4.48 5.76 7.57
CA PHE A 167 -4.74 6.17 6.20
C PHE A 167 -6.27 6.25 5.92
N PRO A 168 -6.74 7.19 5.07
CA PRO A 168 -8.18 7.26 4.75
C PRO A 168 -8.56 6.51 3.46
N THR A 169 -9.88 6.22 3.30
CA THR A 169 -10.39 5.47 2.14
C THR A 169 -10.30 6.31 0.86
N THR A 170 -10.24 7.62 0.97
CA THR A 170 -10.18 8.53 -0.18
C THR A 170 -8.74 8.66 -0.76
N LEU A 171 -7.69 8.22 -0.01
CA LEU A 171 -6.29 8.33 -0.47
C LEU A 171 -6.15 7.62 -1.82
N GLU A 172 -5.81 8.40 -2.83
CA GLU A 172 -5.80 8.01 -4.23
C GLU A 172 -4.43 8.07 -4.89
N GLN A 173 -3.64 9.09 -4.58
CA GLN A 173 -2.38 9.39 -5.25
C GLN A 173 -1.24 9.61 -4.26
N LEU A 174 -0.08 9.00 -4.55
CA LEU A 174 1.11 9.13 -3.75
C LEU A 174 2.27 9.54 -4.62
N GLU A 175 3.16 10.39 -4.08
CA GLU A 175 4.42 10.75 -4.73
C GLU A 175 5.51 9.81 -4.17
N GLU A 176 6.78 10.03 -4.51
CA GLU A 176 7.85 9.16 -4.07
C GLU A 176 8.45 9.50 -2.70
N ASN A 177 9.23 8.55 -2.11
CA ASN A 177 10.03 8.69 -0.89
C ASN A 177 9.24 9.16 0.34
N ILE A 178 7.93 8.91 0.42
CA ILE A 178 7.13 9.44 1.54
C ILE A 178 7.59 8.95 2.91
N PHE A 179 7.81 7.63 3.09
CA PHE A 179 8.17 7.08 4.40
C PHE A 179 9.64 6.63 4.44
N TYR A 180 10.45 7.24 3.58
CA TYR A 180 11.90 7.02 3.51
C TYR A 180 12.47 7.39 4.90
N TYR A 181 13.20 6.48 5.57
CA TYR A 181 13.84 6.69 6.89
C TYR A 181 12.81 6.78 8.08
N CYS A 182 11.59 6.28 7.89
CA CYS A 182 10.62 6.27 9.00
C CYS A 182 10.87 5.01 9.79
N ARG A 183 11.92 5.06 10.59
CA ARG A 183 12.43 3.93 11.36
C ARG A 183 11.47 3.41 12.43
N ASN A 184 10.50 4.23 12.90
CA ASN A 184 9.53 3.83 13.92
C ASN A 184 8.15 3.45 13.36
N LEU A 185 7.89 3.67 12.05
CA LEU A 185 6.58 3.33 11.46
C LEU A 185 6.47 1.81 11.43
N LYS A 186 5.79 1.23 12.43
CA LYS A 186 5.68 -0.22 12.61
C LYS A 186 4.76 -0.90 11.58
N LYS A 187 3.71 -0.22 11.17
CA LYS A 187 2.73 -0.78 10.25
C LYS A 187 2.21 0.28 9.31
N ALA A 188 1.96 -0.09 8.06
CA ALA A 188 1.31 0.80 7.11
C ALA A 188 0.13 0.03 6.52
N ASP A 189 -1.08 0.38 6.95
CA ASP A 189 -2.29 -0.28 6.47
C ASP A 189 -2.96 0.58 5.40
N LEU A 190 -2.66 0.26 4.14
CA LEU A 190 -3.17 0.97 2.98
C LEU A 190 -4.30 0.18 2.31
N SER A 191 -4.70 -0.94 2.94
CA SER A 191 -5.68 -1.89 2.41
C SER A 191 -7.06 -1.30 2.12
N ARG A 192 -7.42 -0.14 2.71
CA ARG A 192 -8.74 0.44 2.45
C ARG A 192 -8.68 1.66 1.55
N THR A 193 -7.51 1.96 0.97
CA THR A 193 -7.32 3.11 0.07
C THR A 193 -7.67 2.73 -1.39
N LYS A 194 -7.60 3.74 -2.28
CA LYS A 194 -7.89 3.62 -3.72
CA LYS A 194 -7.89 3.64 -3.72
C LYS A 194 -6.60 3.56 -4.55
N LEU A 195 -5.44 3.38 -3.91
CA LEU A 195 -4.16 3.37 -4.61
C LEU A 195 -4.08 2.30 -5.71
N THR A 196 -3.68 2.71 -6.92
CA THR A 196 -3.42 1.77 -8.02
C THR A 196 -1.90 1.54 -8.14
N LYS A 197 -1.09 2.49 -7.59
CA LYS A 197 0.37 2.44 -7.64
CA LYS A 197 0.36 2.41 -7.63
C LYS A 197 0.99 2.76 -6.28
N LEU A 198 1.98 1.97 -5.88
CA LEU A 198 2.78 2.20 -4.69
C LEU A 198 4.09 2.76 -5.26
N PRO A 199 4.38 4.06 -5.11
CA PRO A 199 5.54 4.63 -5.82
C PRO A 199 6.91 4.17 -5.35
N ALA A 200 7.89 4.50 -6.19
CA ALA A 200 9.30 4.21 -5.95
C ALA A 200 9.75 4.79 -4.62
N SER A 201 10.58 4.02 -3.92
CA SER A 201 11.25 4.37 -2.66
C SER A 201 10.29 4.80 -1.52
N THR A 202 9.04 4.30 -1.50
CA THR A 202 8.05 4.65 -0.47
C THR A 202 8.54 4.31 0.94
N PHE A 203 9.09 3.11 1.16
CA PHE A 203 9.47 2.71 2.52
C PHE A 203 10.97 2.45 2.73
N VAL A 204 11.87 3.15 1.99
CA VAL A 204 13.32 2.88 2.15
C VAL A 204 13.77 3.14 3.59
N TYR A 205 14.42 2.13 4.24
CA TYR A 205 14.92 2.17 5.63
C TYR A 205 13.80 2.34 6.67
N ALA A 206 12.51 2.20 6.29
CA ALA A 206 11.40 2.33 7.25
C ALA A 206 11.37 1.10 8.15
N GLY A 207 10.86 1.27 9.37
CA GLY A 207 10.78 0.17 10.34
C GLY A 207 9.55 -0.69 10.20
N VAL A 208 8.78 -0.54 9.09
CA VAL A 208 7.56 -1.31 8.78
C VAL A 208 7.80 -2.79 8.98
N GLU A 209 6.94 -3.38 9.81
CA GLU A 209 6.95 -4.80 10.12
C GLU A 209 5.87 -5.49 9.32
N GLU A 210 4.84 -4.71 8.92
CA GLU A 210 3.68 -5.14 8.16
C GLU A 210 3.19 -4.01 7.28
N VAL A 211 2.92 -4.32 5.99
CA VAL A 211 2.37 -3.37 5.01
C VAL A 211 1.21 -4.08 4.31
N LEU A 212 -0.02 -3.59 4.51
CA LEU A 212 -1.24 -4.14 3.90
C LEU A 212 -1.62 -3.27 2.74
N LEU A 213 -1.57 -3.83 1.54
CA LEU A 213 -1.83 -3.12 0.29
C LEU A 213 -3.27 -3.26 -0.22
N PRO A 214 -3.84 -2.27 -0.97
CA PRO A 214 -5.25 -2.38 -1.39
C PRO A 214 -5.42 -3.29 -2.63
N ALA A 215 -6.64 -3.83 -2.81
CA ALA A 215 -6.99 -4.72 -3.93
C ALA A 215 -6.89 -3.98 -5.25
N THR A 216 -6.98 -2.64 -5.20
CA THR A 216 -6.86 -1.78 -6.38
C THR A 216 -5.40 -1.67 -6.87
N LEU A 217 -4.39 -2.03 -6.02
CA LEU A 217 -2.99 -1.90 -6.43
C LEU A 217 -2.67 -2.73 -7.69
N LYS A 218 -2.02 -2.10 -8.66
CA LYS A 218 -1.61 -2.69 -9.93
C LYS A 218 -0.11 -2.73 -10.08
N GLU A 219 0.61 -1.80 -9.40
CA GLU A 219 2.07 -1.69 -9.53
C GLU A 219 2.78 -1.38 -8.24
N ILE A 220 3.95 -2.00 -8.07
CA ILE A 220 4.87 -1.68 -6.97
C ILE A 220 6.10 -1.07 -7.63
N GLY A 221 6.36 0.19 -7.29
CA GLY A 221 7.47 0.95 -7.82
C GLY A 221 8.84 0.45 -7.40
N ALA A 222 9.86 0.84 -8.16
CA ALA A 222 11.27 0.55 -7.94
C ALA A 222 11.69 0.95 -6.51
N GLN A 223 12.41 0.06 -5.78
CA GLN A 223 12.94 0.29 -4.43
CA GLN A 223 12.93 0.30 -4.41
C GLN A 223 11.85 0.66 -3.38
N ALA A 224 10.53 0.43 -3.69
CA ALA A 224 9.41 0.74 -2.77
C ALA A 224 9.65 0.15 -1.36
N PHE A 225 10.21 -1.09 -1.28
CA PHE A 225 10.50 -1.71 0.03
C PHE A 225 12.01 -1.96 0.23
N LEU A 226 12.85 -1.17 -0.46
CA LEU A 226 14.31 -1.30 -0.34
C LEU A 226 14.76 -1.12 1.12
N LYS A 227 15.58 -2.05 1.63
CA LYS A 227 16.16 -2.03 2.99
C LYS A 227 15.10 -1.89 4.11
N THR A 228 14.01 -2.66 3.98
CA THR A 228 12.96 -2.78 5.00
C THR A 228 13.37 -4.01 5.82
N SER A 229 14.36 -3.82 6.71
CA SER A 229 14.95 -4.88 7.53
CA SER A 229 14.95 -4.88 7.53
C SER A 229 13.95 -5.52 8.52
N GLN A 230 12.90 -4.79 8.93
CA GLN A 230 11.91 -5.30 9.89
C GLN A 230 10.67 -5.93 9.24
N LEU A 231 10.50 -5.82 7.92
CA LEU A 231 9.31 -6.35 7.21
C LEU A 231 9.35 -7.88 7.29
N LYS A 232 8.40 -8.46 8.02
CA LYS A 232 8.37 -9.89 8.31
C LYS A 232 7.98 -10.72 7.09
N THR A 233 6.92 -10.32 6.41
CA THR A 233 6.37 -10.94 5.22
C THR A 233 5.73 -9.86 4.34
N ILE A 234 5.31 -10.24 3.14
CA ILE A 234 4.57 -9.36 2.27
C ILE A 234 3.62 -10.21 1.44
N GLU A 235 2.36 -9.80 1.42
CA GLU A 235 1.35 -10.40 0.58
C GLU A 235 1.09 -9.36 -0.50
N ILE A 236 1.49 -9.66 -1.74
CA ILE A 236 1.31 -8.74 -2.86
C ILE A 236 -0.17 -8.93 -3.25
N PRO A 237 -0.99 -7.85 -3.33
CA PRO A 237 -2.44 -8.04 -3.57
C PRO A 237 -2.76 -8.55 -4.96
N GLU A 238 -3.99 -9.08 -5.11
CA GLU A 238 -4.50 -9.86 -6.22
C GLU A 238 -4.40 -9.23 -7.60
N ASN A 239 -4.48 -7.91 -7.72
CA ASN A 239 -4.47 -7.31 -9.06
C ASN A 239 -3.11 -6.72 -9.49
N VAL A 240 -2.04 -7.00 -8.72
CA VAL A 240 -0.73 -6.45 -9.08
C VAL A 240 -0.19 -7.12 -10.35
N ARG A 241 0.22 -6.28 -11.31
CA ARG A 241 0.78 -6.69 -12.58
C ARG A 241 2.30 -6.56 -12.57
N THR A 242 2.83 -5.52 -11.91
CA THR A 242 4.27 -5.20 -11.97
C THR A 242 4.92 -4.96 -10.60
N ILE A 243 6.12 -5.54 -10.43
CA ILE A 243 7.00 -5.39 -9.27
C ILE A 243 8.30 -4.76 -9.85
N GLY A 244 8.53 -3.49 -9.51
CA GLY A 244 9.62 -2.66 -10.00
C GLY A 244 11.02 -3.05 -9.59
N LEU A 245 12.00 -2.41 -10.24
CA LEU A 245 13.44 -2.63 -10.01
C LEU A 245 13.77 -2.59 -8.52
N GLU A 246 14.35 -3.68 -8.00
CA GLU A 246 14.77 -3.79 -6.60
C GLU A 246 13.66 -3.40 -5.59
N ALA A 247 12.37 -3.68 -5.92
CA ALA A 247 11.24 -3.32 -5.05
C ALA A 247 11.43 -3.84 -3.62
N PHE A 248 12.01 -5.06 -3.44
CA PHE A 248 12.22 -5.68 -2.13
C PHE A 248 13.71 -5.97 -1.88
N ARG A 249 14.63 -5.26 -2.57
CA ARG A 249 16.05 -5.42 -2.35
C ARG A 249 16.39 -5.21 -0.86
N GLU A 250 17.14 -6.17 -0.28
CA GLU A 250 17.62 -6.16 1.11
C GLU A 250 16.50 -6.03 2.17
N SER A 251 15.31 -6.51 1.84
CA SER A 251 14.20 -6.54 2.78
C SER A 251 14.41 -7.75 3.72
N GLY A 252 13.84 -7.66 4.92
CA GLY A 252 13.91 -8.72 5.92
C GLY A 252 12.85 -9.79 5.77
N ILE A 253 11.96 -9.64 4.76
CA ILE A 253 10.86 -10.59 4.46
C ILE A 253 11.32 -12.05 4.50
N THR A 254 10.50 -12.89 5.14
CA THR A 254 10.80 -14.32 5.24
C THR A 254 10.07 -15.07 4.11
N THR A 255 8.90 -14.55 3.69
CA THR A 255 8.05 -15.12 2.64
C THR A 255 7.38 -13.99 1.82
N VAL A 256 7.07 -14.29 0.56
CA VAL A 256 6.36 -13.45 -0.38
C VAL A 256 5.23 -14.25 -0.97
N LYS A 257 4.04 -13.66 -1.04
CA LYS A 257 2.87 -14.23 -1.72
C LYS A 257 2.51 -13.27 -2.83
N LEU A 258 2.41 -13.73 -4.07
CA LEU A 258 2.08 -12.80 -5.17
C LEU A 258 1.08 -13.47 -6.14
N PRO A 259 0.18 -12.70 -6.81
CA PRO A 259 -0.82 -13.34 -7.67
C PRO A 259 -0.27 -13.89 -8.99
N ASN A 260 -1.00 -14.84 -9.62
CA ASN A 260 -0.64 -15.47 -10.88
C ASN A 260 -0.89 -14.54 -12.07
N GLY A 261 -1.41 -13.35 -11.79
CA GLY A 261 -1.62 -12.31 -12.80
C GLY A 261 -0.40 -11.42 -12.97
N VAL A 262 0.62 -11.57 -12.09
CA VAL A 262 1.86 -10.78 -12.18
C VAL A 262 2.54 -11.08 -13.53
N THR A 263 2.80 -10.03 -14.31
CA THR A 263 3.43 -10.11 -15.63
C THR A 263 4.86 -9.51 -15.64
N THR A 264 5.25 -8.67 -14.66
CA THR A 264 6.63 -8.16 -14.61
C THR A 264 7.20 -8.27 -13.23
N ILE A 265 8.36 -8.96 -13.12
CA ILE A 265 9.16 -8.98 -11.90
C ILE A 265 10.51 -8.44 -12.38
N ALA A 266 10.79 -7.17 -12.08
CA ALA A 266 11.97 -6.49 -12.59
C ALA A 266 13.26 -7.06 -12.02
N GLN A 267 14.37 -6.61 -12.57
CA GLN A 267 15.70 -7.05 -12.15
C GLN A 267 15.93 -6.82 -10.68
N ARG A 268 16.55 -7.81 -10.03
CA ARG A 268 16.94 -7.72 -8.62
C ARG A 268 15.77 -7.32 -7.69
N ALA A 269 14.51 -7.70 -8.04
CA ALA A 269 13.32 -7.32 -7.24
C ALA A 269 13.41 -7.85 -5.82
N PHE A 270 14.09 -8.99 -5.63
CA PHE A 270 14.27 -9.61 -4.30
C PHE A 270 15.77 -9.80 -4.03
N TYR A 271 16.58 -8.91 -4.55
CA TYR A 271 18.04 -8.98 -4.45
C TYR A 271 18.55 -8.91 -2.99
N TYR A 272 19.35 -9.92 -2.60
CA TYR A 272 19.97 -9.99 -1.28
C TYR A 272 18.95 -9.86 -0.13
N CYS A 273 17.91 -10.68 -0.14
CA CYS A 273 16.96 -10.78 0.97
C CYS A 273 17.49 -11.93 1.80
N PRO A 274 18.18 -11.65 2.95
CA PRO A 274 18.91 -12.72 3.65
C PRO A 274 18.05 -13.71 4.42
N GLU A 275 16.77 -13.40 4.65
CA GLU A 275 15.86 -14.27 5.42
C GLU A 275 14.73 -14.84 4.58
N LEU A 276 14.72 -14.51 3.28
CA LEU A 276 13.66 -14.97 2.39
C LEU A 276 13.75 -16.48 2.16
N THR A 277 12.69 -17.23 2.49
CA THR A 277 12.70 -18.69 2.35
C THR A 277 11.75 -19.14 1.25
N GLU A 278 10.65 -18.41 1.03
CA GLU A 278 9.69 -18.83 0.01
C GLU A 278 9.09 -17.69 -0.78
N VAL A 279 8.86 -17.94 -2.06
CA VAL A 279 8.11 -17.09 -2.99
C VAL A 279 6.98 -18.01 -3.49
N THR A 280 5.73 -17.73 -3.09
CA THR A 280 4.60 -18.57 -3.45
C THR A 280 3.58 -17.77 -4.22
N THR A 281 2.85 -18.44 -5.11
CA THR A 281 1.86 -17.79 -5.96
C THR A 281 0.47 -18.24 -5.55
N TYR A 282 -0.56 -17.45 -5.94
CA TYR A 282 -1.97 -17.73 -5.68
C TYR A 282 -2.81 -17.05 -6.78
N GLY A 283 -4.07 -17.46 -6.92
CA GLY A 283 -4.98 -16.88 -7.90
C GLY A 283 -5.10 -17.66 -9.18
N THR A 284 -6.21 -17.47 -9.90
CA THR A 284 -6.51 -18.14 -11.16
C THR A 284 -6.68 -17.10 -12.29
N VAL A 285 -6.38 -15.81 -12.02
CA VAL A 285 -6.49 -14.79 -13.06
C VAL A 285 -5.15 -14.75 -13.83
N ILE A 286 -5.22 -14.90 -15.16
CA ILE A 286 -4.06 -14.95 -16.04
C ILE A 286 -4.12 -13.78 -17.01
N ASN A 287 -3.05 -12.99 -17.07
CA ASN A 287 -2.95 -11.87 -17.99
C ASN A 287 -2.02 -12.24 -19.12
N GLU A 288 -2.53 -12.15 -20.35
CA GLU A 288 -1.74 -12.47 -21.53
C GLU A 288 -0.99 -11.24 -21.95
N ASN A 289 0.32 -11.41 -22.13
CA ASN A 289 1.29 -10.43 -22.58
C ASN A 289 2.54 -11.16 -22.99
N PRO A 290 2.94 -11.04 -24.27
CA PRO A 290 4.16 -11.74 -24.74
C PRO A 290 5.45 -11.24 -24.08
N GLU A 291 5.46 -10.02 -23.51
CA GLU A 291 6.60 -9.41 -22.82
C GLU A 291 6.67 -9.78 -21.32
N ALA A 292 5.71 -10.61 -20.80
CA ALA A 292 5.68 -11.00 -19.39
C ALA A 292 6.96 -11.75 -19.01
N ILE A 294 10.22 -12.51 -15.81
CA ILE A 294 10.97 -12.42 -14.55
C ILE A 294 12.38 -12.04 -15.02
N HIS A 295 12.77 -10.78 -14.80
CA HIS A 295 13.99 -10.16 -15.27
C HIS A 295 15.24 -10.65 -14.53
N PRO A 296 16.42 -10.53 -15.17
CA PRO A 296 17.64 -11.13 -14.59
C PRO A 296 17.96 -10.85 -13.11
N TYR A 297 18.55 -11.89 -12.45
CA TYR A 297 19.11 -11.84 -11.08
C TYR A 297 18.09 -11.36 -10.05
N CYS A 298 16.85 -11.72 -10.29
CA CYS A 298 15.70 -11.35 -9.49
C CYS A 298 15.88 -11.74 -8.03
N LEU A 299 16.35 -12.97 -7.79
CA LEU A 299 16.55 -13.49 -6.44
C LEU A 299 17.99 -13.90 -6.22
N GLU A 300 18.92 -13.13 -6.76
CA GLU A 300 20.35 -13.33 -6.50
C GLU A 300 20.61 -12.85 -5.03
N GLY A 301 21.51 -13.53 -4.33
CA GLY A 301 21.85 -13.20 -2.95
C GLY A 301 20.81 -13.59 -1.91
N CYS A 302 19.99 -14.63 -2.19
CA CYS A 302 18.95 -15.14 -1.28
C CYS A 302 19.34 -16.56 -0.84
N PRO A 303 20.29 -16.72 0.14
CA PRO A 303 20.78 -18.06 0.46
C PRO A 303 19.81 -18.94 1.24
N LYS A 304 18.76 -18.37 1.86
CA LYS A 304 17.80 -19.15 2.62
C LYS A 304 16.58 -19.58 1.79
N LEU A 305 16.51 -19.18 0.49
CA LEU A 305 15.36 -19.50 -0.37
C LEU A 305 15.34 -20.99 -0.69
N THR A 306 14.20 -21.65 -0.39
CA THR A 306 13.96 -23.07 -0.60
C THR A 306 12.82 -23.29 -1.62
N ARG A 307 12.00 -22.28 -1.88
CA ARG A 307 10.89 -22.41 -2.82
C ARG A 307 10.74 -21.17 -3.69
N PHE A 308 10.59 -21.38 -5.01
CA PHE A 308 10.38 -20.30 -5.97
C PHE A 308 9.24 -20.65 -6.94
N ASP A 309 8.03 -20.16 -6.64
CA ASP A 309 6.87 -20.31 -7.52
C ASP A 309 6.92 -19.23 -8.57
N ILE A 310 6.71 -19.61 -9.82
CA ILE A 310 6.70 -18.70 -10.96
C ILE A 310 5.26 -18.37 -11.30
N SER A 311 4.95 -17.06 -11.40
CA SER A 311 3.62 -16.55 -11.76
C SER A 311 3.21 -17.19 -13.08
N LYS A 312 1.96 -17.65 -13.13
CA LYS A 312 1.43 -18.37 -14.28
C LYS A 312 1.12 -17.46 -15.47
N SER A 313 1.41 -16.16 -15.37
CA SER A 313 1.26 -15.22 -16.48
C SER A 313 2.63 -14.92 -17.12
N ILE A 314 3.73 -15.37 -16.51
CA ILE A 314 5.10 -15.10 -17.02
C ILE A 314 5.39 -15.93 -18.25
N ARG A 315 5.99 -15.29 -19.27
CA ARG A 315 6.39 -15.97 -20.50
C ARG A 315 7.87 -16.23 -20.53
N ILE A 316 8.69 -15.26 -20.08
CA ILE A 316 10.15 -15.32 -20.24
C ILE A 316 10.86 -15.40 -18.89
N LEU A 317 11.82 -16.33 -18.79
CA LEU A 317 12.65 -16.46 -17.58
C LEU A 317 14.06 -16.00 -17.93
N GLY A 318 14.49 -14.90 -17.31
CA GLY A 318 15.79 -14.28 -17.51
C GLY A 318 16.98 -14.97 -16.87
N GLN A 319 18.18 -14.40 -17.09
CA GLN A 319 19.48 -14.86 -16.59
C GLN A 319 19.62 -14.80 -15.05
N GLY A 320 20.25 -15.85 -14.49
CA GLY A 320 20.62 -15.97 -13.08
C GLY A 320 19.58 -15.62 -12.04
N LEU A 321 18.33 -16.07 -12.29
CA LEU A 321 17.20 -15.78 -11.41
C LEU A 321 17.46 -16.11 -9.94
N LEU A 322 18.13 -17.24 -9.64
CA LEU A 322 18.45 -17.63 -8.27
C LEU A 322 19.94 -17.75 -8.08
N GLY A 323 20.70 -16.90 -8.78
CA GLY A 323 22.16 -16.89 -8.74
C GLY A 323 22.77 -17.01 -7.36
N GLY A 324 23.62 -18.03 -7.21
CA GLY A 324 24.35 -18.33 -5.97
C GLY A 324 23.56 -19.09 -4.93
N ASN A 325 22.26 -19.31 -5.15
CA ASN A 325 21.46 -20.04 -4.19
C ASN A 325 21.78 -21.55 -4.28
N ARG A 326 21.63 -22.27 -3.15
CA ARG A 326 21.89 -23.71 -3.12
C ARG A 326 20.75 -24.44 -2.42
N LYS A 327 19.80 -23.71 -1.83
CA LYS A 327 18.74 -24.35 -1.05
C LYS A 327 17.45 -24.63 -1.84
N VAL A 328 17.30 -24.09 -3.08
CA VAL A 328 16.17 -24.46 -3.95
C VAL A 328 16.62 -25.71 -4.70
N THR A 329 16.17 -26.92 -4.30
CA THR A 329 16.58 -28.21 -4.90
C THR A 329 15.52 -28.72 -5.91
N GLN A 330 14.28 -28.18 -5.83
CA GLN A 330 13.18 -28.55 -6.72
C GLN A 330 12.56 -27.31 -7.32
N LEU A 331 12.24 -27.37 -8.62
CA LEU A 331 11.66 -26.23 -9.29
C LEU A 331 10.58 -26.68 -10.25
N THR A 332 9.49 -25.94 -10.33
CA THR A 332 8.45 -26.20 -11.29
C THR A 332 8.37 -25.01 -12.25
N ILE A 333 8.45 -25.30 -13.55
CA ILE A 333 8.31 -24.28 -14.58
C ILE A 333 6.89 -24.46 -15.18
N PRO A 334 6.00 -23.47 -15.03
CA PRO A 334 4.61 -23.66 -15.49
C PRO A 334 4.48 -23.65 -17.01
N ALA A 335 3.35 -24.19 -17.51
CA ALA A 335 3.04 -24.37 -18.93
C ALA A 335 3.03 -23.06 -19.73
N ASN A 336 2.77 -21.90 -19.09
CA ASN A 336 2.75 -20.59 -19.78
C ASN A 336 4.16 -20.09 -20.21
N VAL A 337 5.24 -20.65 -19.65
CA VAL A 337 6.61 -20.21 -19.98
C VAL A 337 6.92 -20.64 -21.41
N THR A 338 7.30 -19.68 -22.24
CA THR A 338 7.60 -19.91 -23.65
C THR A 338 9.09 -19.66 -23.97
N GLN A 339 9.85 -19.05 -23.02
CA GLN A 339 11.25 -18.73 -23.28
C GLN A 339 12.10 -18.76 -22.02
N ILE A 340 13.26 -19.44 -22.10
CA ILE A 340 14.22 -19.50 -20.99
C ILE A 340 15.58 -19.03 -21.53
N ASN A 341 16.13 -17.99 -20.90
CA ASN A 341 17.36 -17.37 -21.36
C ASN A 341 18.63 -18.02 -20.81
N PHE A 342 19.76 -17.61 -21.36
CA PHE A 342 21.10 -18.05 -20.97
C PHE A 342 21.25 -18.06 -19.45
N SER A 343 21.70 -19.21 -18.90
CA SER A 343 22.00 -19.40 -17.48
C SER A 343 20.86 -18.95 -16.51
N ALA A 344 19.60 -19.15 -16.91
CA ALA A 344 18.44 -18.79 -16.12
C ALA A 344 18.49 -19.42 -14.73
N PHE A 345 18.77 -20.73 -14.68
CA PHE A 345 18.83 -21.46 -13.41
C PHE A 345 20.23 -22.05 -13.18
N ASN A 346 21.24 -21.44 -13.83
CA ASN A 346 22.63 -21.82 -13.63
C ASN A 346 23.14 -21.18 -12.33
N ASN A 347 24.22 -21.76 -11.74
CA ASN A 347 24.78 -21.35 -10.44
C ASN A 347 23.69 -21.53 -9.36
N THR A 348 23.06 -22.73 -9.36
CA THR A 348 22.02 -23.10 -8.38
C THR A 348 22.30 -24.51 -7.88
N GLY A 349 21.55 -24.95 -6.89
CA GLY A 349 21.62 -26.28 -6.33
C GLY A 349 20.41 -27.10 -6.74
N ILE A 350 19.70 -26.67 -7.81
CA ILE A 350 18.53 -27.40 -8.28
C ILE A 350 18.95 -28.82 -8.74
N LYS A 351 18.20 -29.84 -8.30
CA LYS A 351 18.47 -31.22 -8.69
C LYS A 351 17.32 -31.79 -9.49
N GLU A 352 16.12 -31.25 -9.28
CA GLU A 352 14.89 -31.72 -9.94
CA GLU A 352 14.90 -31.73 -9.95
C GLU A 352 14.05 -30.57 -10.48
N VAL A 353 13.76 -30.61 -11.78
CA VAL A 353 12.93 -29.62 -12.45
CA VAL A 353 12.91 -29.61 -12.39
C VAL A 353 11.77 -30.34 -13.13
N VAL A 355 8.96 -29.41 -15.89
CA VAL A 355 8.57 -28.43 -16.92
C VAL A 355 7.20 -28.88 -17.38
N GLU A 356 6.20 -28.08 -17.08
CA GLU A 356 4.81 -28.46 -17.31
C GLU A 356 4.28 -28.26 -18.72
N GLY A 357 4.91 -27.43 -19.53
CA GLY A 357 4.45 -27.16 -20.88
C GLY A 357 4.49 -28.39 -21.78
N ILE A 358 3.36 -28.69 -22.42
CA ILE A 358 3.22 -29.77 -23.40
C ILE A 358 4.08 -29.33 -24.57
N THR A 359 4.05 -28.03 -24.87
CA THR A 359 4.91 -27.37 -25.84
C THR A 359 6.15 -26.91 -25.08
N PRO A 360 7.38 -27.36 -25.43
CA PRO A 360 8.55 -26.89 -24.66
C PRO A 360 8.84 -25.39 -24.78
N PRO A 361 9.28 -24.74 -23.64
CA PRO A 361 9.78 -23.35 -23.75
C PRO A 361 10.93 -23.32 -24.73
N GLN A 362 11.02 -22.27 -25.55
CA GLN A 362 12.10 -22.16 -26.52
C GLN A 362 13.36 -21.57 -25.89
N VAL A 363 14.50 -22.03 -26.40
CA VAL A 363 15.87 -21.62 -26.07
C VAL A 363 16.53 -21.21 -27.38
N PHE A 364 17.02 -19.99 -27.45
CA PHE A 364 17.57 -19.42 -28.68
C PHE A 364 19.07 -19.35 -28.72
N GLU A 365 19.76 -19.56 -27.57
CA GLU A 365 21.21 -19.49 -27.50
C GLU A 365 21.88 -20.74 -28.04
N LYS A 366 23.08 -20.54 -28.57
CA LYS A 366 23.94 -21.61 -29.06
C LYS A 366 24.50 -22.37 -27.84
N VAL A 367 24.81 -21.64 -26.74
CA VAL A 367 25.32 -22.19 -25.48
C VAL A 367 24.34 -21.71 -24.40
N TRP A 368 23.50 -22.62 -23.91
CA TRP A 368 22.40 -22.26 -23.01
C TRP A 368 22.77 -22.20 -21.50
N TYR A 369 23.23 -23.34 -20.93
CA TYR A 369 23.52 -23.51 -19.49
C TYR A 369 22.29 -23.13 -18.65
N GLY A 370 21.10 -23.47 -19.13
CA GLY A 370 19.85 -23.11 -18.47
C GLY A 370 19.65 -23.66 -17.07
N PHE A 371 20.25 -24.79 -16.79
CA PHE A 371 20.20 -25.53 -15.52
C PHE A 371 21.62 -25.92 -15.12
N PRO A 372 21.93 -26.19 -13.83
CA PRO A 372 23.31 -26.57 -13.50
C PRO A 372 23.71 -27.92 -14.13
N ASP A 373 25.03 -28.13 -14.28
CA ASP A 373 25.64 -29.35 -14.86
C ASP A 373 25.31 -30.59 -14.02
N ASP A 374 25.19 -30.41 -12.69
CA ASP A 374 24.93 -31.48 -11.74
C ASP A 374 23.44 -31.63 -11.44
N ILE A 375 22.54 -31.11 -12.33
CA ILE A 375 21.08 -31.32 -12.19
C ILE A 375 20.88 -32.84 -12.31
N THR A 376 19.93 -33.42 -11.58
CA THR A 376 19.73 -34.88 -11.62
C THR A 376 18.64 -35.25 -12.66
N VAL A 377 17.52 -34.54 -12.65
CA VAL A 377 16.46 -34.93 -13.59
C VAL A 377 15.60 -33.72 -13.96
N ILE A 378 15.09 -33.79 -15.22
CA ILE A 378 14.17 -32.83 -15.84
C ILE A 378 12.92 -33.64 -16.22
N ARG A 379 11.80 -33.43 -15.50
CA ARG A 379 10.54 -34.14 -15.76
C ARG A 379 9.64 -33.30 -16.65
N VAL A 380 9.21 -33.88 -17.78
CA VAL A 380 8.39 -33.19 -18.78
C VAL A 380 7.14 -34.05 -19.10
N PRO A 381 6.04 -33.49 -19.67
CA PRO A 381 4.86 -34.34 -19.96
C PRO A 381 5.23 -35.53 -20.85
N ALA A 382 4.74 -36.75 -20.52
CA ALA A 382 5.03 -38.02 -21.21
C ALA A 382 4.85 -37.92 -22.74
N GLU A 383 3.82 -37.19 -23.18
CA GLU A 383 3.54 -37.01 -24.62
C GLU A 383 4.54 -36.06 -25.31
N SER A 384 5.41 -35.37 -24.53
CA SER A 384 6.34 -34.36 -25.07
C SER A 384 7.81 -34.68 -24.88
N VAL A 385 8.16 -35.84 -24.31
CA VAL A 385 9.54 -36.25 -24.04
C VAL A 385 10.46 -36.04 -25.30
N GLU A 386 10.01 -36.46 -26.51
CA GLU A 386 10.78 -36.31 -27.75
C GLU A 386 10.83 -34.86 -28.23
N LYS A 387 9.75 -34.08 -28.01
CA LYS A 387 9.75 -32.65 -28.37
C LYS A 387 10.85 -31.91 -27.59
N TYR A 388 11.05 -32.28 -26.30
CA TYR A 388 12.06 -31.68 -25.45
C TYR A 388 13.43 -32.17 -25.83
N LYS A 389 13.58 -33.49 -26.07
CA LYS A 389 14.86 -34.08 -26.39
C LYS A 389 15.43 -33.56 -27.70
N ASN A 390 14.55 -33.14 -28.65
CA ASN A 390 15.03 -32.68 -29.96
C ASN A 390 15.23 -31.16 -29.98
N ALA A 391 14.75 -30.46 -28.95
CA ALA A 391 14.75 -29.00 -28.89
C ALA A 391 16.12 -28.42 -28.57
N ASN A 392 16.39 -27.23 -29.12
CA ASN A 392 17.61 -26.48 -28.79
C ASN A 392 17.61 -26.18 -27.28
N GLY A 393 18.77 -26.32 -26.65
CA GLY A 393 18.95 -26.09 -25.23
C GLY A 393 18.62 -27.34 -24.44
N TRP A 394 17.35 -27.72 -24.45
CA TRP A 394 16.86 -28.94 -23.79
C TRP A 394 17.65 -30.19 -24.21
N LYS A 395 18.09 -30.28 -25.50
CA LYS A 395 18.85 -31.45 -25.99
CA LYS A 395 18.86 -31.43 -26.01
C LYS A 395 20.18 -31.64 -25.24
N ASP A 396 20.73 -30.55 -24.61
CA ASP A 396 21.97 -30.61 -23.83
C ASP A 396 21.81 -31.46 -22.60
N PHE A 397 20.56 -31.67 -22.17
CA PHE A 397 20.20 -32.46 -20.99
C PHE A 397 19.39 -33.71 -21.36
N THR A 398 19.45 -34.16 -22.64
CA THR A 398 18.73 -35.36 -23.15
C THR A 398 18.75 -36.55 -22.15
N ASN A 399 19.94 -36.91 -21.65
CA ASN A 399 20.14 -38.06 -20.74
C ASN A 399 19.57 -37.84 -19.34
N LYS A 400 19.02 -36.65 -19.06
CA LYS A 400 18.41 -36.33 -17.78
C LYS A 400 16.93 -36.05 -17.94
N ILE A 401 16.41 -36.10 -19.18
CA ILE A 401 14.98 -35.85 -19.43
C ILE A 401 14.19 -37.16 -19.22
N THR A 402 13.05 -37.05 -18.53
CA THR A 402 12.16 -38.19 -18.29
C THR A 402 10.71 -37.70 -18.27
N ALA A 403 9.77 -38.65 -18.28
CA ALA A 403 8.34 -38.33 -18.30
C ALA A 403 7.72 -38.16 -16.90
N PHE A 404 6.59 -37.46 -16.85
CA PHE A 404 5.68 -37.38 -15.72
C PHE A 404 4.25 -37.59 -16.28
#